data_2OWB
#
_entry.id   2OWB
#
_cell.length_a   66.931
_cell.length_b   66.931
_cell.length_c   153.590
_cell.angle_alpha   90.00
_cell.angle_beta   90.00
_cell.angle_gamma   120.00
#
_symmetry.space_group_name_H-M   'P 32 2 1'
#
loop_
_entity.id
_entity.type
_entity.pdbx_description
1 polymer 'Serine/threonine-protein kinase PLK1'
2 non-polymer 'ZINC ION'
3 non-polymer 'ACETATE ION'
4 non-polymer 4-(4-METHYLPIPERAZIN-1-YL)-N-[5-(2-THIENYLACETYL)-1,5-DIHYDROPYRROLO[3,4-C]PYRAZOL-3-YL]BENZAMIDE
5 water water
#
_entity_poly.entity_id   1
_entity_poly.type   'polypeptide(L)'
_entity_poly.pdbx_seq_one_letter_code
;GPAPADPGKAGVPGVAAPGAPAAAPPAKEIPEVLVDPRSRRRYVRGRFLGKGGFAKCFEISDADTKEVFAGKIVPKSLLL
KPHQREKMSMEISIHRSLAHQHVVGFHGFFEDNDFVFVVLELCRRRSLLELHKRRKALTEPEARYYLRQIVLGCQYLHRN
RVIHRDLKLGNLFLNEDLEVKIGDFGLATKVEYDGERKKVLCGTPNYIAPEVLSKKGHSFEVDVWSIGCIMYTLLVGKPP
FETSCLKETYLRIKKNEYSIPKHINPVAASLIQKMLQTDPTARPTINELLNDEFFTSGYIPARLPITCLTIPPRFSIAPS
SLDPSNRKPLTVLNK
;
_entity_poly.pdbx_strand_id   A
#
# COMPACT_ATOMS: atom_id res chain seq x y z
N ALA A 27 26.85 18.29 4.27
CA ALA A 27 26.20 17.37 3.30
C ALA A 27 25.64 16.15 4.02
N LYS A 28 26.51 15.42 4.72
CA LYS A 28 26.16 14.20 5.44
C LYS A 28 25.73 13.08 4.48
N GLU A 29 26.71 12.31 4.02
CA GLU A 29 26.47 11.24 3.05
C GLU A 29 26.20 9.92 3.77
N ILE A 30 25.44 9.05 3.10
CA ILE A 30 25.07 7.76 3.68
C ILE A 30 26.28 6.82 3.64
N PRO A 31 26.53 6.06 4.72
CA PRO A 31 27.66 5.14 4.75
C PRO A 31 27.54 4.04 3.69
N GLU A 32 28.67 3.65 3.11
CA GLU A 32 28.71 2.57 2.13
C GLU A 32 28.44 1.21 2.76
N VAL A 33 28.71 1.08 4.05
CA VAL A 33 28.39 -0.13 4.81
C VAL A 33 27.62 0.24 6.08
N LEU A 34 26.44 -0.33 6.22
CA LEU A 34 25.54 -0.06 7.33
C LEU A 34 25.69 -1.15 8.38
N VAL A 35 26.26 -0.80 9.53
CA VAL A 35 26.51 -1.81 10.58
C VAL A 35 25.52 -1.64 11.74
N ASP A 36 24.87 -2.75 12.08
CA ASP A 36 24.00 -2.83 13.24
C ASP A 36 24.82 -3.40 14.38
N PRO A 37 25.12 -2.60 15.39
CA PRO A 37 26.00 -3.03 16.49
C PRO A 37 25.35 -4.02 17.46
N ARG A 38 24.02 -4.07 17.49
CA ARG A 38 23.30 -4.99 18.38
C ARG A 38 23.28 -6.40 17.80
N SER A 39 22.95 -6.51 16.52
CA SER A 39 22.89 -7.80 15.84
C SER A 39 24.25 -8.22 15.23
N ARG A 40 25.20 -7.29 15.21
CA ARG A 40 26.49 -7.48 14.54
C ARG A 40 26.37 -7.90 13.07
N ARG A 41 25.38 -7.33 12.38
CA ARG A 41 25.19 -7.57 10.95
C ARG A 41 25.66 -6.36 10.16
N ARG A 42 26.20 -6.61 8.98
CA ARG A 42 26.68 -5.53 8.11
C ARG A 42 25.98 -5.61 6.76
N TYR A 43 25.68 -4.46 6.16
CA TYR A 43 24.92 -4.38 4.92
C TYR A 43 25.63 -3.47 3.92
N VAL A 44 26.12 -4.05 2.83
CA VAL A 44 26.71 -3.26 1.75
C VAL A 44 25.60 -2.56 0.97
N ARG A 45 25.70 -1.24 0.86
CA ARG A 45 24.72 -0.44 0.11
C ARG A 45 24.90 -0.62 -1.40
N GLY A 46 23.96 -1.34 -2.00
CA GLY A 46 23.91 -1.53 -3.45
C GLY A 46 23.09 -0.47 -4.17
N ARG A 47 22.34 -0.90 -5.18
CA ARG A 47 21.71 0.00 -6.16
C ARG A 47 20.65 0.91 -5.55
N PHE A 48 20.58 2.14 -6.06
CA PHE A 48 19.54 3.08 -5.66
C PHE A 48 18.20 2.67 -6.27
N LEU A 49 17.15 2.70 -5.45
CA LEU A 49 15.82 2.23 -5.85
C LEU A 49 14.81 3.37 -6.00
N GLY A 50 14.92 4.40 -5.17
CA GLY A 50 14.02 5.55 -5.27
C GLY A 50 13.89 6.37 -4.01
N LYS A 51 13.02 7.38 -4.08
CA LYS A 51 12.77 8.30 -2.98
C LYS A 51 11.30 8.27 -2.59
N GLY A 52 11.01 8.61 -1.34
CA GLY A 52 9.65 8.70 -0.84
C GLY A 52 9.62 9.43 0.49
N GLY A 53 9.10 10.66 0.49
CA GLY A 53 9.13 11.51 1.67
C GLY A 53 10.55 11.91 2.04
N PHE A 54 10.90 11.76 3.32
CA PHE A 54 12.25 12.06 3.81
C PHE A 54 13.25 10.95 3.52
N ALA A 55 12.78 9.80 3.07
CA ALA A 55 13.60 8.60 2.98
C ALA A 55 14.11 8.31 1.57
N LYS A 56 15.22 7.59 1.49
CA LYS A 56 15.72 7.03 0.24
C LYS A 56 15.71 5.51 0.37
N CYS A 57 15.60 4.82 -0.75
CA CYS A 57 15.55 3.35 -0.77
C CYS A 57 16.73 2.81 -1.56
N PHE A 58 17.44 1.84 -0.97
CA PHE A 58 18.57 1.19 -1.60
C PHE A 58 18.44 -0.32 -1.46
N GLU A 59 18.86 -1.06 -2.48
CA GLU A 59 19.16 -2.46 -2.30
C GLU A 59 20.37 -2.53 -1.36
N ILE A 60 20.27 -3.34 -0.31
CA ILE A 60 21.38 -3.58 0.61
C ILE A 60 21.55 -5.08 0.79
N SER A 61 22.79 -5.55 0.93
CA SER A 61 23.05 -6.97 1.01
C SER A 61 23.84 -7.32 2.26
N ASP A 62 23.30 -8.23 3.06
CA ASP A 62 23.99 -8.78 4.22
C ASP A 62 25.36 -9.32 3.79
N ALA A 63 26.38 -9.06 4.59
CA ALA A 63 27.76 -9.36 4.20
C ALA A 63 28.08 -10.85 4.28
N ASP A 64 27.50 -11.53 5.26
CA ASP A 64 27.76 -12.96 5.47
C ASP A 64 26.85 -13.85 4.61
N THR A 65 25.54 -13.60 4.66
CA THR A 65 24.57 -14.45 3.97
C THR A 65 24.34 -14.04 2.51
N LYS A 66 24.70 -12.81 2.17
CA LYS A 66 24.52 -12.25 0.83
C LYS A 66 23.05 -12.01 0.42
N GLU A 67 22.12 -12.15 1.37
CA GLU A 67 20.71 -11.91 1.09
C GLU A 67 20.48 -10.42 0.89
N VAL A 68 19.56 -10.08 -0.01
CA VAL A 68 19.32 -8.68 -0.38
C VAL A 68 17.99 -8.17 0.15
N PHE A 69 18.00 -6.94 0.65
CA PHE A 69 16.83 -6.30 1.24
C PHE A 69 16.66 -4.90 0.65
N ALA A 70 15.49 -4.32 0.87
CA ALA A 70 15.27 -2.90 0.63
C ALA A 70 15.63 -2.13 1.91
N GLY A 71 16.68 -1.34 1.85
CA GLY A 71 17.06 -0.47 2.95
C GLY A 71 16.40 0.89 2.86
N LYS A 72 15.54 1.21 3.82
CA LYS A 72 14.92 2.53 3.91
C LYS A 72 15.75 3.40 4.87
N ILE A 73 16.31 4.48 4.34
CA ILE A 73 17.27 5.30 5.08
C ILE A 73 16.77 6.75 5.14
N VAL A 74 16.58 7.28 6.34
CA VAL A 74 16.09 8.65 6.50
C VAL A 74 17.07 9.49 7.35
N PRO A 75 17.44 10.68 6.87
CA PRO A 75 18.39 11.52 7.60
C PRO A 75 17.81 12.08 8.89
N LYS A 76 18.59 12.02 9.96
CA LYS A 76 18.18 12.60 11.25
C LYS A 76 18.13 14.13 11.20
N SER A 77 18.76 14.73 10.19
CA SER A 77 18.68 16.17 9.94
C SER A 77 17.27 16.64 9.50
N LEU A 78 16.43 15.72 9.05
CA LEU A 78 15.02 16.02 8.74
C LEU A 78 14.08 15.51 9.83
N LEU A 79 14.66 15.12 10.97
CA LEU A 79 13.93 14.59 12.11
C LEU A 79 14.26 15.41 13.37
N LEU A 80 14.52 16.71 13.18
CA LEU A 80 14.93 17.61 14.26
C LEU A 80 13.80 17.97 15.23
N LYS A 81 12.56 17.89 14.77
CA LYS A 81 11.40 18.20 15.60
C LYS A 81 10.88 16.90 16.22
N PRO A 82 10.62 16.91 17.53
CA PRO A 82 10.08 15.72 18.23
C PRO A 82 8.87 15.06 17.55
N HIS A 83 8.00 15.86 16.93
CA HIS A 83 6.81 15.33 16.28
C HIS A 83 7.15 14.45 15.08
N GLN A 84 8.12 14.88 14.28
CA GLN A 84 8.59 14.09 13.14
C GLN A 84 9.30 12.83 13.62
N ARG A 85 9.99 12.93 14.74
CA ARG A 85 10.69 11.78 15.34
C ARG A 85 9.69 10.74 15.81
N GLU A 86 8.59 11.21 16.37
CA GLU A 86 7.56 10.35 16.94
C GLU A 86 6.82 9.60 15.84
N LYS A 87 6.64 10.24 14.68
CA LYS A 87 5.98 9.61 13.54
C LYS A 87 6.82 8.46 13.02
N MET A 88 8.13 8.69 12.93
CA MET A 88 9.09 7.67 12.49
C MET A 88 9.12 6.49 13.45
N SER A 89 9.16 6.79 14.76
CA SER A 89 9.15 5.77 15.80
C SER A 89 7.90 4.92 15.75
N MET A 90 6.76 5.58 15.52
CA MET A 90 5.47 4.91 15.46
C MET A 90 5.40 4.00 14.24
N GLU A 91 5.95 4.45 13.10
CA GLU A 91 6.01 3.64 11.89
C GLU A 91 6.78 2.34 12.17
N ILE A 92 7.93 2.46 12.84
CA ILE A 92 8.74 1.30 13.17
C ILE A 92 8.00 0.39 14.15
N SER A 93 7.39 0.98 15.17
CA SER A 93 6.64 0.25 16.18
C SER A 93 5.50 -0.59 15.58
N ILE A 94 4.81 -0.04 14.59
CA ILE A 94 3.71 -0.76 13.94
C ILE A 94 4.28 -1.80 12.99
N HIS A 95 5.15 -1.36 12.09
CA HIS A 95 5.67 -2.23 11.02
C HIS A 95 6.42 -3.44 11.56
N ARG A 96 7.20 -3.26 12.62
CA ARG A 96 7.96 -4.36 13.21
C ARG A 96 7.07 -5.45 13.83
N SER A 97 5.86 -5.07 14.26
CA SER A 97 4.92 -6.02 14.85
C SER A 97 4.15 -6.86 13.82
N LEU A 98 4.43 -6.66 12.53
CA LEU A 98 3.65 -7.29 11.46
C LEU A 98 4.48 -8.35 10.73
N ALA A 99 3.81 -9.45 10.36
CA ALA A 99 4.41 -10.55 9.63
C ALA A 99 3.31 -11.30 8.87
N HIS A 100 3.17 -10.97 7.60
CA HIS A 100 2.17 -11.59 6.72
C HIS A 100 2.69 -11.62 5.28
N GLN A 101 2.22 -12.59 4.50
CA GLN A 101 2.63 -12.80 3.11
C GLN A 101 2.40 -11.59 2.21
N HIS A 102 1.34 -10.82 2.49
CA HIS A 102 1.01 -9.67 1.66
C HIS A 102 1.23 -8.33 2.39
N VAL A 103 2.19 -8.34 3.31
CA VAL A 103 2.72 -7.14 3.95
C VAL A 103 4.24 -7.15 3.82
N VAL A 104 4.82 -6.00 3.48
CA VAL A 104 6.27 -5.87 3.37
C VAL A 104 6.94 -6.34 4.67
N GLY A 105 7.80 -7.35 4.56
CA GLY A 105 8.50 -7.90 5.70
C GLY A 105 9.39 -6.90 6.40
N PHE A 106 9.35 -6.89 7.73
CA PHE A 106 10.21 -6.07 8.55
C PHE A 106 11.28 -6.99 9.13
N HIS A 107 12.52 -6.79 8.69
CA HIS A 107 13.64 -7.62 9.08
C HIS A 107 14.62 -6.93 10.03
N GLY A 108 14.32 -5.70 10.43
CA GLY A 108 15.11 -5.01 11.44
C GLY A 108 15.25 -3.51 11.25
N PHE A 109 15.83 -2.87 12.26
CA PHE A 109 16.17 -1.46 12.21
C PHE A 109 17.30 -1.13 13.19
N PHE A 110 18.02 -0.07 12.87
CA PHE A 110 19.10 0.42 13.72
C PHE A 110 19.43 1.85 13.27
N GLU A 111 20.42 2.46 13.90
CA GLU A 111 20.72 3.86 13.65
C GLU A 111 22.15 4.23 14.03
N ASP A 112 22.69 5.23 13.37
CA ASP A 112 23.88 5.93 13.86
C ASP A 112 23.49 7.39 14.15
N ASN A 113 24.47 8.26 14.38
CA ASN A 113 24.17 9.63 14.79
C ASN A 113 23.53 10.46 13.70
N ASP A 114 23.64 10.00 12.45
CA ASP A 114 23.17 10.76 11.28
C ASP A 114 21.97 10.16 10.54
N PHE A 115 21.69 8.88 10.74
CA PHE A 115 20.66 8.19 9.95
C PHE A 115 19.85 7.16 10.74
N VAL A 116 18.64 6.90 10.28
CA VAL A 116 17.84 5.76 10.70
C VAL A 116 17.82 4.78 9.53
N PHE A 117 18.14 3.51 9.81
CA PHE A 117 18.13 2.44 8.81
C PHE A 117 17.07 1.41 9.15
N VAL A 118 16.20 1.11 8.19
CA VAL A 118 15.19 0.07 8.32
C VAL A 118 15.41 -0.97 7.23
N VAL A 119 15.48 -2.24 7.62
CA VAL A 119 15.73 -3.35 6.69
C VAL A 119 14.39 -4.01 6.34
N LEU A 120 14.00 -3.91 5.08
CA LEU A 120 12.69 -4.38 4.62
C LEU A 120 12.81 -5.45 3.53
N GLU A 121 11.74 -6.20 3.34
CA GLU A 121 11.63 -7.19 2.27
C GLU A 121 11.81 -6.47 0.94
N LEU A 122 12.68 -7.01 0.09
CA LEU A 122 12.92 -6.44 -1.23
C LEU A 122 11.85 -6.93 -2.19
N CYS A 123 11.21 -5.98 -2.86
CA CYS A 123 10.18 -6.26 -3.87
C CYS A 123 10.72 -5.76 -5.20
N ARG A 124 11.26 -6.67 -6.01
CA ARG A 124 12.06 -6.30 -7.18
C ARG A 124 11.25 -5.70 -8.33
N ARG A 125 9.95 -5.97 -8.38
CA ARG A 125 9.09 -5.47 -9.46
C ARG A 125 8.29 -4.22 -9.06
N ARG A 126 8.87 -3.39 -8.19
CA ARG A 126 8.35 -2.06 -7.92
C ARG A 126 6.94 -2.13 -7.30
N SER A 127 5.98 -1.38 -7.83
CA SER A 127 4.63 -1.32 -7.25
C SER A 127 3.53 -1.32 -8.31
N LEU A 128 2.28 -1.31 -7.85
CA LEU A 128 1.13 -1.29 -8.75
C LEU A 128 0.97 0.05 -9.47
N LEU A 129 1.64 1.09 -8.98
CA LEU A 129 1.64 2.38 -9.67
C LEU A 129 2.34 2.27 -11.02
N GLU A 130 3.49 1.61 -11.06
CA GLU A 130 4.26 1.47 -12.29
C GLU A 130 3.57 0.51 -13.25
N LEU A 131 2.90 -0.50 -12.70
CA LEU A 131 2.07 -1.40 -13.50
C LEU A 131 0.92 -0.63 -14.15
N HIS A 132 0.25 0.20 -13.37
CA HIS A 132 -0.88 0.99 -13.84
C HIS A 132 -0.49 1.98 -14.92
N LYS A 133 0.68 2.62 -14.76
CA LYS A 133 1.17 3.57 -15.75
C LYS A 133 1.46 2.90 -17.10
N ARG A 134 1.87 1.64 -17.05
CA ARG A 134 2.22 0.91 -18.28
C ARG A 134 1.00 0.25 -18.94
N ARG A 135 0.10 -0.31 -18.14
CA ARG A 135 -0.99 -1.14 -18.62
C ARG A 135 -2.35 -0.44 -18.63
N LYS A 136 -2.46 0.67 -17.89
CA LYS A 136 -3.74 1.30 -17.59
C LYS A 136 -4.74 0.27 -17.05
N ALA A 137 -5.94 0.18 -17.62
CA ALA A 137 -6.96 -0.75 -17.13
C ALA A 137 -6.49 -2.19 -17.31
N LEU A 138 -6.51 -2.95 -16.22
CA LEU A 138 -6.17 -4.37 -16.25
C LEU A 138 -7.35 -5.20 -16.73
N THR A 139 -7.08 -6.46 -17.06
CA THR A 139 -8.13 -7.45 -17.27
C THR A 139 -8.80 -7.74 -15.93
N GLU A 140 -10.05 -8.20 -15.96
CA GLU A 140 -10.79 -8.50 -14.74
C GLU A 140 -10.11 -9.56 -13.87
N PRO A 141 -9.63 -10.65 -14.45
CA PRO A 141 -8.91 -11.68 -13.68
C PRO A 141 -7.65 -11.17 -12.99
N GLU A 142 -6.92 -10.26 -13.63
CA GLU A 142 -5.79 -9.59 -13.00
C GLU A 142 -6.22 -8.74 -11.81
N ALA A 143 -7.31 -8.01 -11.98
CA ALA A 143 -7.83 -7.17 -10.90
C ALA A 143 -8.24 -8.03 -9.70
N ARG A 144 -8.91 -9.15 -9.96
CA ARG A 144 -9.28 -10.08 -8.90
C ARG A 144 -8.05 -10.63 -8.19
N TYR A 145 -7.03 -10.97 -8.97
CA TYR A 145 -5.80 -11.54 -8.42
C TYR A 145 -5.15 -10.56 -7.44
N TYR A 146 -4.98 -9.31 -7.88
CA TYR A 146 -4.30 -8.30 -7.08
C TYR A 146 -5.15 -7.85 -5.91
N LEU A 147 -6.43 -7.57 -6.16
CA LEU A 147 -7.35 -7.16 -5.11
C LEU A 147 -7.49 -8.21 -4.01
N ARG A 148 -7.42 -9.49 -4.38
CA ARG A 148 -7.49 -10.57 -3.40
C ARG A 148 -6.34 -10.48 -2.41
N GLN A 149 -5.13 -10.29 -2.94
CA GLN A 149 -3.92 -10.21 -2.12
C GLN A 149 -3.86 -8.94 -1.29
N ILE A 150 -4.36 -7.83 -1.85
CA ILE A 150 -4.45 -6.57 -1.11
C ILE A 150 -5.42 -6.74 0.07
N VAL A 151 -6.56 -7.38 -0.20
CA VAL A 151 -7.61 -7.57 0.80
C VAL A 151 -7.12 -8.50 1.90
N LEU A 152 -6.38 -9.54 1.53
CA LEU A 152 -5.81 -10.49 2.50
C LEU A 152 -4.79 -9.81 3.41
N GLY A 153 -3.93 -8.98 2.84
CA GLY A 153 -3.00 -8.18 3.62
C GLY A 153 -3.72 -7.25 4.59
N CYS A 154 -4.73 -6.55 4.09
CA CYS A 154 -5.49 -5.60 4.89
C CYS A 154 -6.34 -6.31 5.96
N GLN A 155 -6.82 -7.52 5.65
CA GLN A 155 -7.53 -8.33 6.64
C GLN A 155 -6.64 -8.61 7.83
N TYR A 156 -5.39 -8.93 7.55
CA TYR A 156 -4.39 -9.18 8.59
C TYR A 156 -4.13 -7.91 9.40
N LEU A 157 -4.01 -6.77 8.73
CA LEU A 157 -3.79 -5.50 9.42
C LEU A 157 -4.94 -5.24 10.38
N HIS A 158 -6.16 -5.39 9.89
CA HIS A 158 -7.36 -4.99 10.63
C HIS A 158 -7.66 -5.87 11.83
N ARG A 159 -7.40 -7.18 11.71
CA ARG A 159 -7.58 -8.07 12.85
C ARG A 159 -6.47 -7.85 13.90
N ASN A 160 -5.37 -7.23 13.49
CA ASN A 160 -4.34 -6.77 14.42
C ASN A 160 -4.52 -5.29 14.81
N ARG A 161 -5.73 -4.78 14.57
CA ARG A 161 -6.14 -3.43 14.94
C ARG A 161 -5.27 -2.31 14.33
N VAL A 162 -4.76 -2.57 13.13
CA VAL A 162 -3.96 -1.59 12.42
C VAL A 162 -4.78 -1.06 11.25
N ILE A 163 -4.85 0.27 11.17
CA ILE A 163 -5.38 0.97 10.00
C ILE A 163 -4.18 1.53 9.26
N HIS A 164 -4.05 1.20 7.97
CA HIS A 164 -2.95 1.70 7.15
C HIS A 164 -3.11 3.18 6.85
N ARG A 165 -4.30 3.56 6.39
CA ARG A 165 -4.71 4.94 6.11
C ARG A 165 -4.09 5.58 4.87
N ASP A 166 -3.24 4.86 4.15
CA ASP A 166 -2.67 5.38 2.90
C ASP A 166 -2.47 4.28 1.86
N LEU A 167 -3.45 3.39 1.75
CA LEU A 167 -3.43 2.37 0.71
C LEU A 167 -3.61 3.03 -0.64
N LYS A 168 -2.56 2.97 -1.45
CA LYS A 168 -2.58 3.46 -2.82
C LYS A 168 -1.73 2.55 -3.68
N LEU A 169 -1.77 2.78 -5.00
CA LEU A 169 -1.04 1.92 -5.94
C LEU A 169 0.46 1.87 -5.64
N GLY A 170 1.02 3.02 -5.26
CA GLY A 170 2.45 3.16 -5.01
C GLY A 170 2.97 2.49 -3.74
N ASN A 171 2.07 2.15 -2.82
CA ASN A 171 2.40 1.44 -1.59
C ASN A 171 2.09 -0.06 -1.66
N LEU A 172 1.62 -0.51 -2.82
CA LEU A 172 1.32 -1.91 -3.03
C LEU A 172 2.42 -2.48 -3.92
N PHE A 173 3.46 -3.00 -3.27
CA PHE A 173 4.68 -3.45 -3.96
C PHE A 173 4.58 -4.87 -4.49
N LEU A 174 5.33 -5.17 -5.54
CA LEU A 174 5.31 -6.47 -6.17
C LEU A 174 6.69 -7.11 -6.07
N ASN A 175 6.74 -8.35 -5.59
CA ASN A 175 7.99 -9.11 -5.59
C ASN A 175 8.19 -9.78 -6.94
N GLU A 176 9.21 -10.63 -7.05
CA GLU A 176 9.56 -11.28 -8.32
C GLU A 176 8.46 -12.17 -8.91
N ASP A 177 7.61 -12.72 -8.04
CA ASP A 177 6.50 -13.56 -8.47
C ASP A 177 5.19 -12.78 -8.63
N LEU A 178 5.27 -11.46 -8.69
CA LEU A 178 4.10 -10.58 -8.78
C LEU A 178 3.11 -10.76 -7.62
N GLU A 179 3.64 -11.05 -6.44
CA GLU A 179 2.85 -11.08 -5.21
C GLU A 179 2.84 -9.69 -4.57
N VAL A 180 1.67 -9.28 -4.09
CA VAL A 180 1.48 -7.95 -3.51
C VAL A 180 1.96 -7.93 -2.06
N LYS A 181 2.66 -6.86 -1.70
CA LYS A 181 3.07 -6.60 -0.33
C LYS A 181 2.76 -5.15 0.01
N ILE A 182 1.90 -4.96 1.00
CA ILE A 182 1.53 -3.63 1.47
C ILE A 182 2.72 -3.07 2.24
N GLY A 183 3.11 -1.85 1.89
CA GLY A 183 4.20 -1.16 2.56
C GLY A 183 3.81 0.26 2.93
N ASP A 184 4.81 1.00 3.41
CA ASP A 184 4.69 2.38 3.88
C ASP A 184 3.63 2.57 4.97
N PHE A 185 4.03 2.28 6.21
CA PHE A 185 3.17 2.43 7.38
C PHE A 185 3.39 3.79 8.07
N GLY A 186 3.81 4.79 7.29
CA GLY A 186 4.07 6.13 7.80
C GLY A 186 2.85 6.91 8.23
N LEU A 187 1.67 6.50 7.78
CA LEU A 187 0.41 7.11 8.20
C LEU A 187 -0.45 6.13 9.00
N ALA A 188 0.06 4.93 9.25
CA ALA A 188 -0.70 3.91 9.97
C ALA A 188 -0.87 4.24 11.45
N THR A 189 -1.93 3.70 12.04
CA THR A 189 -2.25 3.92 13.45
C THR A 189 -2.88 2.67 14.05
N LYS A 190 -2.74 2.54 15.36
CA LYS A 190 -3.28 1.40 16.11
C LYS A 190 -4.58 1.82 16.79
N VAL A 191 -5.63 1.01 16.63
CA VAL A 191 -6.86 1.19 17.38
C VAL A 191 -6.64 0.55 18.76
N GLU A 192 -6.69 1.38 19.80
CA GLU A 192 -6.34 0.96 21.16
C GLU A 192 -7.53 0.41 21.96
N TYR A 193 -8.73 0.87 21.64
CA TYR A 193 -9.95 0.37 22.28
C TYR A 193 -11.10 0.27 21.28
N ASP A 194 -12.12 -0.50 21.66
CA ASP A 194 -13.22 -0.81 20.76
C ASP A 194 -14.13 0.40 20.57
N GLY A 195 -14.33 0.78 19.30
CA GLY A 195 -15.17 1.93 18.96
C GLY A 195 -14.41 3.24 18.84
N GLU A 196 -13.09 3.22 18.98
CA GLU A 196 -12.29 4.44 18.89
C GLU A 196 -12.41 5.08 17.51
N ARG A 197 -12.65 6.39 17.50
CA ARG A 197 -12.67 7.16 16.27
C ARG A 197 -11.47 8.09 16.29
N LYS A 198 -10.52 7.85 15.38
CA LYS A 198 -9.37 8.72 15.23
C LYS A 198 -9.83 10.08 14.70
N LYS A 199 -9.41 11.15 15.37
CA LYS A 199 -9.84 12.50 15.01
C LYS A 199 -8.83 13.18 14.09
N VAL A 200 -7.59 12.69 14.10
CA VAL A 200 -6.48 13.33 13.40
C VAL A 200 -5.75 12.37 12.48
N LEU A 201 -5.44 12.84 11.27
CA LEU A 201 -4.59 12.13 10.32
C LEU A 201 -3.54 13.11 9.79
N CYS A 202 -2.33 13.03 10.35
CA CYS A 202 -1.25 13.93 9.99
C CYS A 202 -0.52 13.38 8.76
N GLY A 203 -0.83 13.97 7.61
CA GLY A 203 -0.44 13.42 6.33
C GLY A 203 -1.57 13.60 5.33
N THR A 204 -1.26 13.34 4.06
CA THR A 204 -2.20 13.56 2.97
C THR A 204 -2.32 12.30 2.11
N PRO A 205 -3.20 11.38 2.51
CA PRO A 205 -3.45 10.17 1.72
C PRO A 205 -3.91 10.46 0.29
N ASN A 206 -3.58 9.55 -0.62
CA ASN A 206 -3.94 9.66 -2.03
C ASN A 206 -5.45 9.47 -2.21
N TYR A 207 -5.92 8.28 -1.84
CA TYR A 207 -7.34 7.95 -1.85
C TYR A 207 -7.94 8.25 -0.48
N ILE A 208 -8.10 9.53 -0.18
CA ILE A 208 -8.57 9.99 1.12
C ILE A 208 -10.09 9.87 1.24
N ALA A 209 -10.55 9.23 2.31
CA ALA A 209 -11.97 8.98 2.55
C ALA A 209 -12.69 10.27 2.92
N PRO A 210 -13.98 10.37 2.62
CA PRO A 210 -14.75 11.60 2.90
C PRO A 210 -14.79 11.98 4.39
N GLU A 211 -14.87 11.00 5.28
CA GLU A 211 -14.88 11.25 6.72
C GLU A 211 -13.59 11.89 7.22
N VAL A 212 -12.48 11.65 6.53
CA VAL A 212 -11.21 12.33 6.84
C VAL A 212 -11.25 13.79 6.35
N LEU A 213 -11.73 13.99 5.13
CA LEU A 213 -11.77 15.33 4.52
C LEU A 213 -12.61 16.32 5.31
N SER A 214 -13.69 15.82 5.91
CA SER A 214 -14.60 16.65 6.70
C SER A 214 -14.17 16.75 8.17
N LYS A 215 -13.29 15.84 8.59
CA LYS A 215 -12.76 15.78 9.96
C LYS A 215 -13.87 15.48 10.97
N LYS A 216 -14.62 14.41 10.69
CA LYS A 216 -15.73 13.95 11.52
C LYS A 216 -15.35 12.80 12.46
N GLY A 217 -14.24 12.13 12.18
CA GLY A 217 -13.84 10.93 12.90
C GLY A 217 -13.79 9.75 11.94
N HIS A 218 -12.87 8.81 12.20
CA HIS A 218 -12.67 7.69 11.27
C HIS A 218 -11.96 6.49 11.89
N SER A 219 -12.10 5.34 11.24
CA SER A 219 -11.52 4.09 11.71
C SER A 219 -11.20 3.15 10.52
N PHE A 220 -11.38 1.84 10.70
CA PHE A 220 -10.99 0.84 9.71
C PHE A 220 -11.60 1.06 8.32
N GLU A 221 -12.79 1.65 8.28
CA GLU A 221 -13.54 1.84 7.03
C GLU A 221 -12.77 2.66 6.00
N VAL A 222 -11.89 3.55 6.47
CA VAL A 222 -10.98 4.32 5.63
C VAL A 222 -10.23 3.46 4.61
N ASP A 223 -9.74 2.29 5.05
CA ASP A 223 -9.01 1.39 4.19
C ASP A 223 -9.90 0.71 3.15
N VAL A 224 -11.13 0.39 3.51
CA VAL A 224 -12.08 -0.20 2.56
C VAL A 224 -12.41 0.80 1.45
N TRP A 225 -12.52 2.08 1.80
CA TRP A 225 -12.72 3.13 0.81
C TRP A 225 -11.55 3.16 -0.18
N SER A 226 -10.32 3.09 0.35
CA SER A 226 -9.12 3.15 -0.47
C SER A 226 -9.02 1.97 -1.43
N ILE A 227 -9.40 0.78 -0.95
CA ILE A 227 -9.41 -0.43 -1.78
C ILE A 227 -10.48 -0.29 -2.87
N GLY A 228 -11.58 0.36 -2.54
CA GLY A 228 -12.62 0.67 -3.52
C GLY A 228 -12.09 1.56 -4.64
N CYS A 229 -11.28 2.56 -4.28
CA CYS A 229 -10.67 3.46 -5.26
C CYS A 229 -9.65 2.73 -6.10
N ILE A 230 -8.91 1.82 -5.46
CA ILE A 230 -7.90 1.03 -6.14
C ILE A 230 -8.57 0.09 -7.15
N MET A 231 -9.68 -0.52 -6.75
CA MET A 231 -10.42 -1.44 -7.61
C MET A 231 -10.89 -0.70 -8.86
N TYR A 232 -11.46 0.49 -8.66
CA TYR A 232 -11.89 1.36 -9.74
C TYR A 232 -10.73 1.68 -10.67
N THR A 233 -9.59 2.07 -10.10
CA THR A 233 -8.43 2.46 -10.90
C THR A 233 -7.92 1.29 -11.72
N LEU A 234 -7.87 0.11 -11.12
CA LEU A 234 -7.37 -1.09 -11.79
C LEU A 234 -8.29 -1.51 -12.94
N LEU A 235 -9.60 -1.36 -12.75
CA LEU A 235 -10.56 -1.82 -13.75
C LEU A 235 -10.82 -0.77 -14.84
N VAL A 236 -10.85 0.50 -14.46
CA VAL A 236 -11.25 1.61 -15.37
C VAL A 236 -10.06 2.26 -16.08
N GLY A 237 -8.89 2.26 -15.43
CA GLY A 237 -7.68 2.82 -16.00
C GLY A 237 -7.35 4.22 -15.51
N LYS A 238 -8.21 4.77 -14.66
CA LYS A 238 -7.97 6.06 -14.01
C LYS A 238 -8.68 6.11 -12.65
N PRO A 239 -8.25 7.00 -11.75
CA PRO A 239 -8.88 7.11 -10.43
C PRO A 239 -10.28 7.74 -10.51
N PRO A 240 -11.17 7.37 -9.59
CA PRO A 240 -12.58 7.79 -9.66
C PRO A 240 -12.86 9.28 -9.42
N PHE A 241 -11.99 10.00 -8.69
CA PHE A 241 -12.25 11.40 -8.37
C PHE A 241 -11.20 12.39 -8.92
N GLU A 242 -10.46 11.97 -9.93
CA GLU A 242 -9.34 12.77 -10.46
C GLU A 242 -9.81 14.07 -11.12
N THR A 243 -9.17 15.18 -10.74
CA THR A 243 -9.34 16.49 -11.40
C THR A 243 -7.99 17.21 -11.53
N SER A 244 -8.02 18.42 -12.09
CA SER A 244 -6.82 19.25 -12.21
C SER A 244 -6.37 19.81 -10.87
N CYS A 245 -7.32 20.13 -10.00
CA CYS A 245 -7.04 20.69 -8.68
C CYS A 245 -7.35 19.66 -7.59
N LEU A 246 -6.42 19.51 -6.66
CA LEU A 246 -6.54 18.54 -5.57
C LEU A 246 -7.72 18.86 -4.63
N LYS A 247 -7.96 20.14 -4.40
CA LYS A 247 -9.09 20.57 -3.56
C LYS A 247 -10.43 20.38 -4.27
N GLU A 248 -10.45 20.50 -5.59
CA GLU A 248 -11.66 20.20 -6.39
C GLU A 248 -11.96 18.70 -6.30
N THR A 249 -10.91 17.89 -6.24
CA THR A 249 -11.02 16.45 -6.08
C THR A 249 -11.62 16.10 -4.71
N TYR A 250 -11.19 16.80 -3.67
CA TYR A 250 -11.74 16.62 -2.32
C TYR A 250 -13.22 16.98 -2.30
N LEU A 251 -13.60 17.96 -3.11
CA LEU A 251 -14.98 18.40 -3.21
C LEU A 251 -15.83 17.28 -3.83
N ARG A 252 -15.32 16.64 -4.86
CA ARG A 252 -16.03 15.56 -5.54
C ARG A 252 -16.22 14.37 -4.59
N ILE A 253 -15.22 14.09 -3.76
CA ILE A 253 -15.31 13.01 -2.78
C ILE A 253 -16.38 13.31 -1.73
N LYS A 254 -16.54 14.58 -1.36
CA LYS A 254 -17.55 15.01 -0.40
C LYS A 254 -18.96 14.81 -0.97
N LYS A 255 -19.11 15.06 -2.27
CA LYS A 255 -20.41 14.97 -2.95
C LYS A 255 -20.68 13.56 -3.49
N ASN A 256 -19.69 12.67 -3.36
CA ASN A 256 -19.72 11.34 -3.98
C ASN A 256 -19.94 11.42 -5.49
N GLU A 257 -19.19 12.33 -6.13
CA GLU A 257 -19.33 12.61 -7.55
C GLU A 257 -18.36 11.78 -8.37
N TYR A 258 -18.77 10.55 -8.66
CA TYR A 258 -18.06 9.69 -9.60
C TYR A 258 -19.07 8.85 -10.39
N SER A 259 -18.64 8.39 -11.56
CA SER A 259 -19.44 7.48 -12.37
C SER A 259 -18.58 6.31 -12.84
N ILE A 260 -19.21 5.15 -12.95
CA ILE A 260 -18.55 3.94 -13.43
C ILE A 260 -18.96 3.73 -14.87
N PRO A 261 -17.99 3.68 -15.80
CA PRO A 261 -18.29 3.39 -17.20
C PRO A 261 -19.11 2.12 -17.39
N LYS A 262 -19.90 2.08 -18.47
CA LYS A 262 -20.87 1.00 -18.68
C LYS A 262 -20.22 -0.31 -19.14
N HIS A 263 -19.00 -0.22 -19.69
CA HIS A 263 -18.27 -1.42 -20.10
C HIS A 263 -17.73 -2.21 -18.90
N ILE A 264 -17.66 -1.57 -17.73
CA ILE A 264 -17.36 -2.28 -16.49
C ILE A 264 -18.53 -3.22 -16.21
N ASN A 265 -18.21 -4.48 -15.92
CA ASN A 265 -19.22 -5.48 -15.66
C ASN A 265 -20.01 -5.14 -14.39
N PRO A 266 -21.33 -5.37 -14.40
CA PRO A 266 -22.19 -4.94 -13.30
C PRO A 266 -21.82 -5.50 -11.91
N VAL A 267 -21.25 -6.70 -11.86
CA VAL A 267 -20.88 -7.32 -10.59
C VAL A 267 -19.70 -6.60 -9.95
N ALA A 268 -18.72 -6.23 -10.77
CA ALA A 268 -17.58 -5.44 -10.31
C ALA A 268 -18.01 -4.04 -9.90
N ALA A 269 -18.87 -3.41 -10.73
CA ALA A 269 -19.37 -2.08 -10.48
C ALA A 269 -20.17 -2.00 -9.17
N SER A 270 -20.85 -3.08 -8.83
CA SER A 270 -21.65 -3.14 -7.62
C SER A 270 -20.76 -3.12 -6.38
N LEU A 271 -19.67 -3.88 -6.41
CA LEU A 271 -18.73 -3.92 -5.30
C LEU A 271 -18.01 -2.59 -5.12
N ILE A 272 -17.66 -1.95 -6.24
CA ILE A 272 -17.08 -0.61 -6.20
C ILE A 272 -18.03 0.34 -5.48
N GLN A 273 -19.32 0.26 -5.81
CA GLN A 273 -20.35 1.13 -5.26
C GLN A 273 -20.55 0.93 -3.76
N LYS A 274 -20.40 -0.32 -3.31
CA LYS A 274 -20.51 -0.65 -1.89
C LYS A 274 -19.36 0.00 -1.10
N MET A 275 -18.16 -0.09 -1.66
CA MET A 275 -16.95 0.39 -0.98
C MET A 275 -16.81 1.91 -1.00
N LEU A 276 -17.42 2.57 -1.99
CA LEU A 276 -17.26 4.01 -2.17
C LEU A 276 -18.49 4.77 -1.71
N GLN A 277 -19.13 4.31 -0.63
CA GLN A 277 -20.23 5.03 -0.03
C GLN A 277 -19.68 6.09 0.92
N THR A 278 -20.37 7.24 0.97
CA THR A 278 -19.95 8.35 1.83
C THR A 278 -20.02 7.96 3.30
N ASP A 279 -21.14 7.33 3.68
CA ASP A 279 -21.35 6.81 5.02
C ASP A 279 -20.40 5.63 5.26
N PRO A 280 -19.47 5.76 6.23
CA PRO A 280 -18.53 4.68 6.51
C PRO A 280 -19.18 3.39 7.03
N THR A 281 -20.29 3.51 7.75
CA THR A 281 -20.99 2.33 8.28
C THR A 281 -21.70 1.53 7.18
N ALA A 282 -21.96 2.18 6.04
CA ALA A 282 -22.63 1.52 4.92
C ALA A 282 -21.67 0.65 4.09
N ARG A 283 -20.37 0.94 4.17
CA ARG A 283 -19.37 0.13 3.48
C ARG A 283 -19.31 -1.28 4.06
N PRO A 284 -18.91 -2.25 3.24
CA PRO A 284 -18.59 -3.59 3.77
C PRO A 284 -17.30 -3.55 4.57
N THR A 285 -17.15 -4.43 5.55
CA THR A 285 -15.89 -4.57 6.28
C THR A 285 -14.92 -5.36 5.42
N ILE A 286 -13.67 -5.43 5.84
CA ILE A 286 -12.62 -6.07 5.05
C ILE A 286 -12.85 -7.58 4.96
N ASN A 287 -13.46 -8.15 6.00
CA ASN A 287 -13.71 -9.59 6.06
C ASN A 287 -14.92 -10.06 5.23
N GLU A 288 -15.72 -9.12 4.74
CA GLU A 288 -16.85 -9.43 3.85
C GLU A 288 -16.42 -9.52 2.38
N LEU A 289 -15.30 -8.88 2.06
CA LEU A 289 -14.94 -8.60 0.66
C LEU A 289 -14.70 -9.82 -0.23
N LEU A 290 -13.94 -10.81 0.24
CA LEU A 290 -13.62 -11.99 -0.58
C LEU A 290 -14.81 -12.91 -0.81
N ASN A 291 -15.85 -12.78 0.02
CA ASN A 291 -17.09 -13.53 -0.15
C ASN A 291 -18.06 -12.88 -1.15
N ASP A 292 -17.69 -11.72 -1.66
CA ASP A 292 -18.49 -11.01 -2.66
C ASP A 292 -18.49 -11.75 -3.99
N GLU A 293 -19.56 -11.57 -4.76
CA GLU A 293 -19.73 -12.23 -6.05
C GLU A 293 -18.60 -11.90 -7.03
N PHE A 294 -17.99 -10.72 -6.90
CA PHE A 294 -16.88 -10.32 -7.76
C PHE A 294 -15.75 -11.37 -7.75
N PHE A 295 -15.44 -11.89 -6.57
CA PHE A 295 -14.40 -12.91 -6.44
C PHE A 295 -14.92 -14.34 -6.67
N THR A 296 -16.05 -14.69 -6.06
CA THR A 296 -16.52 -16.08 -6.05
C THR A 296 -17.07 -16.58 -7.38
N SER A 297 -17.53 -15.66 -8.23
CA SER A 297 -18.17 -16.00 -9.50
C SER A 297 -17.25 -15.79 -10.71
N GLY A 298 -15.99 -15.43 -10.46
CA GLY A 298 -15.04 -15.15 -11.52
C GLY A 298 -13.74 -15.90 -11.40
N TYR A 299 -13.00 -15.94 -12.50
CA TYR A 299 -11.71 -16.61 -12.57
C TYR A 299 -10.63 -15.80 -11.85
N ILE A 300 -10.05 -16.38 -10.81
CA ILE A 300 -8.89 -15.82 -10.14
C ILE A 300 -7.69 -16.70 -10.46
N PRO A 301 -6.75 -16.20 -11.26
CA PRO A 301 -5.55 -16.97 -11.58
C PRO A 301 -4.73 -17.27 -10.31
N ALA A 302 -4.09 -18.45 -10.29
CA ALA A 302 -3.23 -18.84 -9.17
C ALA A 302 -1.95 -18.01 -9.17
N ARG A 303 -1.54 -17.59 -10.36
CA ARG A 303 -0.37 -16.72 -10.51
C ARG A 303 -0.44 -15.97 -11.82
N LEU A 304 0.41 -14.95 -11.95
CA LEU A 304 0.53 -14.18 -13.18
C LEU A 304 1.96 -14.30 -13.70
N PRO A 305 2.13 -14.58 -14.99
CA PRO A 305 3.46 -14.55 -15.59
C PRO A 305 4.04 -13.13 -15.63
N ILE A 306 5.36 -13.03 -15.67
CA ILE A 306 6.06 -11.74 -15.71
C ILE A 306 5.59 -10.87 -16.88
N THR A 307 5.15 -11.50 -17.97
CA THR A 307 4.65 -10.78 -19.15
C THR A 307 3.47 -9.85 -18.85
N CYS A 308 2.76 -10.11 -17.76
CA CYS A 308 1.62 -9.30 -17.35
C CYS A 308 1.97 -7.88 -16.93
N LEU A 309 3.26 -7.63 -16.67
CA LEU A 309 3.74 -6.28 -16.36
C LEU A 309 3.62 -5.35 -17.58
N THR A 310 3.61 -5.95 -18.77
CA THR A 310 3.77 -5.21 -20.01
C THR A 310 2.70 -5.54 -21.08
N ILE A 311 2.14 -6.76 -21.03
CA ILE A 311 1.23 -7.27 -22.07
C ILE A 311 -0.01 -7.90 -21.42
N PRO A 312 -1.20 -7.52 -21.88
CA PRO A 312 -2.44 -8.10 -21.33
C PRO A 312 -2.47 -9.62 -21.48
N PRO A 313 -2.79 -10.35 -20.42
CA PRO A 313 -2.97 -11.80 -20.51
C PRO A 313 -4.34 -12.18 -21.06
N ARG A 314 -4.39 -13.23 -21.88
CA ARG A 314 -5.65 -13.74 -22.41
C ARG A 314 -6.16 -14.95 -21.63
N PHE A 315 -5.28 -15.54 -20.81
CA PHE A 315 -5.60 -16.70 -19.99
C PHE A 315 -6.13 -17.85 -20.83
N SER A 316 -5.35 -18.23 -21.84
CA SER A 316 -5.73 -19.30 -22.76
C SER A 316 -5.64 -20.65 -22.10
N ILE A 317 -6.47 -21.57 -22.58
CA ILE A 317 -6.58 -22.92 -22.03
C ILE A 317 -5.40 -23.81 -22.44
N ALA A 318 -4.75 -23.50 -23.56
CA ALA A 318 -3.56 -24.23 -23.96
C ALA A 318 -2.75 -23.48 -25.01
N PRO A 319 -1.43 -23.70 -25.06
CA PRO A 319 -0.59 -23.11 -26.10
C PRO A 319 -1.00 -23.56 -27.51
N SER A 320 -1.00 -22.64 -28.47
CA SER A 320 -1.42 -22.94 -29.83
C SER A 320 -0.23 -22.88 -30.80
#